data_6HHK
#
_entry.id   6HHK
#
_cell.length_a   75.143
_cell.length_b   75.143
_cell.length_c   187.303
_cell.angle_alpha   90.00
_cell.angle_beta   90.00
_cell.angle_gamma   120.00
#
_symmetry.space_group_name_H-M   'P 32 2 1'
#
loop_
_entity.id
_entity.type
_entity.pdbx_description
1 polymer Gp105
2 non-polymer 'CHLORIDE ION'
3 water water
#
_entity_poly.entity_id   1
_entity_poly.type   'polypeptide(L)'
_entity_poly.pdbx_seq_one_letter_code
;(MSE)GSSHHHHHHSSGENLYFQGSAIATYNAHVYAALNLKSKVDTTF(MSE)AIGKTTAWTDETNPPEPDPNATGLTEV
IGYKKLKT(MSE)SLCRPQRTGETPTLPTVSYGNKTWVLVPDAQAYTEGAKWLYCEAEFVGDELPVGTYRQVGVFTDLAP
KSGVTKPNLLPSEVANVGVLQFFENKQFQNRTPQVTARERFVAEL
;
_entity_poly.pdbx_strand_id   A,B,C
#
loop_
_chem_comp.id
_chem_comp.type
_chem_comp.name
_chem_comp.formula
CL non-polymer 'CHLORIDE ION' 'Cl -1'
#
# COMPACT_ATOMS: atom_id res chain seq x y z
N ALA A 22 13.09 -7.29 -2.78
CA ALA A 22 12.97 -6.42 -1.60
C ALA A 22 11.59 -5.74 -1.52
N ILE A 23 10.80 -5.84 -2.60
CA ILE A 23 9.45 -5.26 -2.72
C ILE A 23 8.48 -5.86 -1.71
N ALA A 24 8.35 -5.20 -0.56
CA ALA A 24 7.40 -5.58 0.46
C ALA A 24 6.04 -5.00 0.08
N THR A 25 4.96 -5.67 0.48
CA THR A 25 3.60 -5.21 0.20
C THR A 25 3.21 -4.15 1.23
N TYR A 26 2.10 -3.43 0.99
CA TYR A 26 1.57 -2.45 1.94
C TYR A 26 1.19 -3.22 3.22
N ASN A 27 0.49 -4.37 3.05
CA ASN A 27 0.07 -5.25 4.15
C ASN A 27 1.22 -5.79 5.01
N ALA A 28 2.44 -5.91 4.45
CA ALA A 28 3.61 -6.34 5.22
C ALA A 28 3.90 -5.31 6.31
N HIS A 29 3.76 -4.00 5.99
CA HIS A 29 3.95 -2.90 6.93
C HIS A 29 2.89 -2.91 8.03
N VAL A 30 1.61 -3.17 7.64
CA VAL A 30 0.46 -3.26 8.54
C VAL A 30 0.69 -4.45 9.52
N TYR A 31 1.15 -5.59 9.00
CA TYR A 31 1.47 -6.82 9.73
C TYR A 31 2.53 -6.52 10.82
N ALA A 32 3.57 -5.75 10.45
CA ALA A 32 4.64 -5.34 11.36
C ALA A 32 4.07 -4.46 12.46
N ALA A 33 3.17 -3.51 12.10
CA ALA A 33 2.51 -2.60 13.07
C ALA A 33 1.61 -3.38 14.02
N LEU A 34 0.89 -4.38 13.48
CA LEU A 34 0.03 -5.26 14.27
C LEU A 34 0.85 -6.06 15.23
N ASN A 35 2.07 -6.47 14.80
CA ASN A 35 2.96 -7.25 15.64
C ASN A 35 3.42 -6.43 16.84
N LEU A 36 3.71 -5.13 16.64
CA LEU A 36 4.11 -4.25 17.75
C LEU A 36 2.99 -4.04 18.76
N LYS A 37 1.76 -3.82 18.26
CA LYS A 37 0.55 -3.65 19.08
C LYS A 37 0.30 -4.89 19.94
N SER A 38 0.63 -6.07 19.43
CA SER A 38 0.47 -7.32 20.20
C SER A 38 1.41 -7.38 21.43
N LYS A 39 2.45 -6.52 21.44
CA LYS A 39 3.45 -6.50 22.53
C LYS A 39 3.09 -5.44 23.60
N VAL A 40 1.84 -4.93 23.56
CA VAL A 40 1.31 -3.86 24.42
C VAL A 40 1.64 -4.05 25.93
N ASP A 41 1.47 -5.28 26.47
CA ASP A 41 1.74 -5.60 27.89
C ASP A 41 3.19 -5.35 28.31
N THR A 42 4.11 -5.30 27.36
CA THR A 42 5.53 -5.13 27.63
C THR A 42 6.14 -3.93 26.87
N THR A 43 5.30 -2.96 26.45
CA THR A 43 5.75 -1.78 25.69
C THR A 43 5.92 -0.55 26.60
N PHE A 44 7.11 0.05 26.59
CA PHE A 44 7.47 1.18 27.42
C PHE A 44 8.05 2.35 26.68
N MSE A 45 7.78 3.55 27.18
CA MSE A 45 8.31 4.76 26.55
C MSE A 45 9.34 5.32 27.52
O MSE A 45 9.06 5.48 28.71
CB MSE A 45 7.22 5.79 26.25
CG MSE A 45 7.78 7.11 25.76
SE MSE A 45 6.47 8.37 24.91
CE MSE A 45 5.51 7.23 23.67
N ALA A 46 10.54 5.59 27.01
CA ALA A 46 11.65 6.14 27.76
C ALA A 46 11.92 7.56 27.37
N ILE A 47 12.59 8.27 28.30
CA ILE A 47 13.10 9.63 28.20
C ILE A 47 14.59 9.59 28.58
N GLY A 48 15.38 10.39 27.85
CA GLY A 48 16.81 10.45 28.08
C GLY A 48 17.46 11.71 27.55
N LYS A 49 18.81 11.68 27.49
CA LYS A 49 19.71 12.74 27.01
C LYS A 49 19.62 13.93 27.93
N THR A 50 20.21 13.77 29.14
CA THR A 50 20.29 14.78 30.20
C THR A 50 21.25 15.89 29.81
N THR A 51 22.30 15.56 29.06
CA THR A 51 23.32 16.51 28.62
C THR A 51 22.85 17.21 27.35
N ALA A 52 23.26 18.48 27.22
CA ALA A 52 22.97 19.38 26.11
C ALA A 52 23.43 18.84 24.76
N TRP A 53 22.68 19.17 23.69
CA TRP A 53 23.08 18.87 22.32
C TRP A 53 24.17 19.91 21.99
N THR A 54 24.97 19.70 20.91
CA THR A 54 25.99 20.65 20.47
C THR A 54 25.35 22.03 20.22
N ASP A 55 24.16 22.02 19.61
CA ASP A 55 23.33 23.19 19.35
C ASP A 55 21.95 22.86 19.94
N GLU A 56 21.63 23.47 21.09
CA GLU A 56 20.37 23.21 21.79
C GLU A 56 19.13 23.63 20.98
N THR A 57 19.30 24.60 20.05
CA THR A 57 18.24 25.09 19.17
C THR A 57 18.02 24.16 17.97
N ASN A 58 19.07 23.41 17.57
CA ASN A 58 18.99 22.47 16.45
C ASN A 58 19.48 21.07 16.85
N PRO A 59 18.56 20.18 17.29
CA PRO A 59 18.98 18.81 17.68
C PRO A 59 19.38 17.96 16.47
N PRO A 60 20.38 17.06 16.62
CA PRO A 60 20.78 16.22 15.48
C PRO A 60 19.70 15.21 15.09
N GLU A 61 19.68 14.82 13.81
CA GLU A 61 18.72 13.85 13.31
C GLU A 61 18.96 12.48 13.99
N PRO A 62 17.88 11.78 14.38
CA PRO A 62 18.06 10.48 15.06
C PRO A 62 18.67 9.41 14.18
N ASP A 63 19.78 8.81 14.65
CA ASP A 63 20.48 7.77 13.90
C ASP A 63 19.79 6.42 14.12
N PRO A 64 19.39 5.72 13.03
CA PRO A 64 18.69 4.44 13.21
C PRO A 64 19.54 3.30 13.78
N ASN A 65 20.87 3.46 13.85
CA ASN A 65 21.75 2.43 14.43
C ASN A 65 21.70 2.38 15.95
N ALA A 66 20.96 3.32 16.58
CA ALA A 66 20.82 3.38 18.04
C ALA A 66 20.07 2.17 18.59
N THR A 67 20.60 1.58 19.68
CA THR A 67 20.01 0.39 20.31
C THR A 67 19.31 0.75 21.64
N GLY A 68 19.51 2.00 22.05
CA GLY A 68 18.96 2.59 23.27
C GLY A 68 19.15 4.09 23.28
N LEU A 69 18.61 4.76 24.30
CA LEU A 69 18.75 6.19 24.43
C LEU A 69 20.05 6.52 25.11
N THR A 70 20.53 7.73 24.81
CA THR A 70 21.69 8.33 25.42
C THR A 70 21.16 8.88 26.72
N GLU A 71 21.90 8.66 27.77
CA GLU A 71 21.64 9.00 29.15
C GLU A 71 20.18 8.74 29.54
N VAL A 72 19.72 7.49 29.42
CA VAL A 72 18.36 7.08 29.77
C VAL A 72 18.03 7.43 31.25
N ILE A 73 16.90 8.13 31.45
CA ILE A 73 16.43 8.59 32.74
C ILE A 73 15.54 7.54 33.38
N GLY A 74 14.60 7.03 32.58
CA GLY A 74 13.63 6.05 33.02
C GLY A 74 12.64 5.59 31.96
N TYR A 75 11.92 4.53 32.32
CA TYR A 75 10.95 3.85 31.46
C TYR A 75 9.53 4.00 32.03
N LYS A 76 8.56 4.29 31.13
CA LYS A 76 7.14 4.45 31.48
C LYS A 76 6.18 3.69 30.54
N LYS A 77 5.39 2.76 31.14
CA LYS A 77 4.40 2.00 30.34
C LYS A 77 3.43 2.95 29.63
N LEU A 78 3.12 2.68 28.36
CA LEU A 78 2.23 3.50 27.55
C LEU A 78 0.83 3.63 28.12
N LYS A 79 0.25 4.83 28.00
CA LYS A 79 -1.13 5.14 28.38
C LYS A 79 -2.02 4.63 27.21
N THR A 80 -1.60 4.89 25.98
CA THR A 80 -2.31 4.46 24.77
C THR A 80 -1.34 4.04 23.68
N MSE A 81 -1.71 2.96 22.98
CA MSE A 81 -1.00 2.40 21.85
C MSE A 81 -2.06 1.92 20.87
O MSE A 81 -2.86 1.05 21.22
CB MSE A 81 -0.09 1.24 22.27
CG MSE A 81 0.84 0.75 21.15
SE MSE A 81 1.98 -0.76 21.74
CE MSE A 81 3.11 -0.79 20.18
N SER A 82 -2.09 2.51 19.69
CA SER A 82 -3.07 2.12 18.68
C SER A 82 -2.53 2.21 17.27
N LEU A 83 -3.10 1.42 16.36
CA LEU A 83 -2.77 1.52 14.94
C LEU A 83 -3.52 2.76 14.43
N CYS A 84 -2.96 3.42 13.41
CA CYS A 84 -3.55 4.64 12.88
C CYS A 84 -3.09 4.89 11.46
N ARG A 85 -3.69 5.91 10.83
CA ARG A 85 -3.39 6.37 9.48
C ARG A 85 -3.76 7.87 9.34
N PRO A 86 -3.11 8.65 8.46
CA PRO A 86 -3.53 10.06 8.28
C PRO A 86 -4.98 10.17 7.81
N GLN A 87 -5.68 11.25 8.20
CA GLN A 87 -7.05 11.50 7.77
C GLN A 87 -6.99 11.96 6.32
N ARG A 88 -7.98 11.58 5.49
CA ARG A 88 -8.04 12.07 4.11
C ARG A 88 -8.46 13.54 4.10
N THR A 89 -8.22 14.26 3.01
CA THR A 89 -8.56 15.69 2.91
C THR A 89 -10.08 15.95 3.09
N GLY A 90 -10.94 15.13 2.46
CA GLY A 90 -12.39 15.26 2.54
C GLY A 90 -13.10 14.32 3.51
N GLU A 91 -12.33 13.57 4.33
CA GLU A 91 -12.86 12.61 5.30
C GLU A 91 -13.38 13.29 6.56
N THR A 92 -14.55 12.84 7.03
CA THR A 92 -15.21 13.22 8.28
C THR A 92 -15.13 11.92 9.08
N PRO A 93 -14.04 11.70 9.84
CA PRO A 93 -13.86 10.41 10.53
C PRO A 93 -14.88 10.08 11.61
N THR A 94 -15.38 8.83 11.55
CA THR A 94 -16.28 8.26 12.54
C THR A 94 -15.44 7.83 13.76
N LEU A 95 -14.31 7.18 13.48
CA LEU A 95 -13.33 6.70 14.48
C LEU A 95 -12.60 7.82 15.24
N PRO A 96 -11.91 7.53 16.38
CA PRO A 96 -11.21 8.61 17.11
C PRO A 96 -10.03 9.20 16.35
N THR A 97 -9.78 10.47 16.57
CA THR A 97 -8.69 11.22 15.96
C THR A 97 -7.77 11.85 17.01
N VAL A 98 -6.47 11.90 16.71
CA VAL A 98 -5.46 12.56 17.53
C VAL A 98 -4.91 13.67 16.68
N SER A 99 -4.95 14.90 17.20
CA SER A 99 -4.54 16.05 16.42
C SER A 99 -3.14 16.53 16.75
N TYR A 100 -2.13 15.77 16.25
CA TYR A 100 -0.72 16.15 16.34
C TYR A 100 -0.63 17.51 15.59
N GLY A 101 -0.04 18.53 16.22
CA GLY A 101 0.08 19.88 15.65
C GLY A 101 0.07 19.93 14.13
N ASN A 102 -1.01 20.51 13.55
CA ASN A 102 -1.32 20.73 12.12
C ASN A 102 -1.74 19.46 11.30
N LYS A 103 -1.47 18.21 11.75
CA LYS A 103 -1.86 17.01 10.99
C LYS A 103 -2.69 15.99 11.81
N THR A 104 -3.89 15.62 11.30
CA THR A 104 -4.84 14.69 11.95
C THR A 104 -4.66 13.22 11.53
N TRP A 105 -4.64 12.32 12.54
CA TRP A 105 -4.49 10.87 12.47
C TRP A 105 -5.76 10.16 12.93
N VAL A 106 -6.22 9.13 12.21
CA VAL A 106 -7.43 8.36 12.54
C VAL A 106 -6.99 7.08 13.23
N LEU A 107 -7.38 6.89 14.52
CA LEU A 107 -7.04 5.68 15.26
C LEU A 107 -7.91 4.53 14.78
N VAL A 108 -7.26 3.43 14.37
CA VAL A 108 -7.91 2.28 13.79
C VAL A 108 -7.82 1.05 14.72
N PRO A 109 -8.95 0.36 15.06
CA PRO A 109 -8.86 -0.86 15.86
C PRO A 109 -8.21 -1.99 15.04
N ASP A 110 -7.55 -2.94 15.72
CA ASP A 110 -6.82 -4.06 15.13
C ASP A 110 -7.58 -4.81 14.02
N ALA A 111 -8.90 -5.02 14.20
CA ALA A 111 -9.75 -5.73 13.23
C ALA A 111 -9.84 -5.03 11.86
N GLN A 112 -9.73 -3.69 11.82
CA GLN A 112 -9.82 -2.93 10.57
C GLN A 112 -8.44 -2.52 10.01
N ALA A 113 -7.35 -3.04 10.63
CA ALA A 113 -5.94 -2.79 10.25
C ALA A 113 -5.71 -2.75 8.76
N TYR A 114 -6.00 -3.88 8.06
CA TYR A 114 -5.79 -4.03 6.61
C TYR A 114 -6.78 -3.25 5.78
N THR A 115 -8.07 -3.26 6.17
CA THR A 115 -9.14 -2.55 5.44
C THR A 115 -8.86 -1.03 5.42
N GLU A 116 -8.35 -0.48 6.53
CA GLU A 116 -8.00 0.94 6.66
C GLU A 116 -6.57 1.27 6.24
N GLY A 117 -5.74 0.23 6.03
CA GLY A 117 -4.34 0.38 5.66
C GLY A 117 -3.53 1.15 6.69
N ALA A 118 -3.72 0.80 7.95
CA ALA A 118 -3.09 1.42 9.11
C ALA A 118 -1.63 0.97 9.32
N LYS A 119 -0.69 1.44 8.46
CA LYS A 119 0.72 1.01 8.59
C LYS A 119 1.50 1.87 9.64
N TRP A 120 0.80 2.82 10.30
CA TRP A 120 1.38 3.72 11.32
C TRP A 120 0.95 3.31 12.71
N LEU A 121 1.81 3.58 13.68
CA LEU A 121 1.57 3.26 15.07
C LEU A 121 1.59 4.53 15.93
N TYR A 122 0.54 4.72 16.76
CA TYR A 122 0.39 5.85 17.68
C TYR A 122 0.68 5.40 19.09
N CYS A 123 1.57 6.14 19.79
CA CYS A 123 1.96 5.86 21.16
C CYS A 123 1.91 7.12 22.00
N GLU A 124 1.37 6.96 23.23
CA GLU A 124 1.20 8.03 24.17
C GLU A 124 1.56 7.56 25.57
N ALA A 125 2.24 8.44 26.30
CA ALA A 125 2.64 8.22 27.71
C ALA A 125 2.85 9.56 28.41
N GLU A 126 2.53 9.60 29.69
CA GLU A 126 2.72 10.77 30.56
C GLU A 126 3.76 10.50 31.64
N PHE A 127 4.61 11.51 31.89
CA PHE A 127 5.72 11.55 32.85
C PHE A 127 5.34 12.52 33.98
N VAL A 128 4.61 11.99 34.98
CA VAL A 128 4.07 12.79 36.07
C VAL A 128 5.11 12.99 37.20
N GLY A 129 5.52 14.23 37.35
CA GLY A 129 6.45 14.68 38.37
C GLY A 129 7.69 13.85 38.62
N ASP A 130 7.93 13.50 39.89
CA ASP A 130 9.10 12.76 40.34
C ASP A 130 9.00 11.23 40.24
N GLU A 131 8.00 10.70 39.48
CA GLU A 131 7.83 9.24 39.31
C GLU A 131 9.09 8.62 38.68
N LEU A 132 9.86 9.47 37.97
CA LEU A 132 11.16 9.22 37.38
C LEU A 132 12.04 10.44 37.71
N PRO A 133 13.40 10.30 37.82
CA PRO A 133 14.23 11.46 38.19
C PRO A 133 13.97 12.70 37.35
N VAL A 134 13.80 13.83 38.06
CA VAL A 134 13.53 15.14 37.48
C VAL A 134 14.77 15.73 36.79
N GLY A 135 14.53 16.62 35.81
CA GLY A 135 15.58 17.31 35.08
C GLY A 135 15.29 17.51 33.62
N THR A 136 16.32 17.88 32.84
CA THR A 136 16.15 18.09 31.41
C THR A 136 16.25 16.77 30.65
N TYR A 137 15.52 16.69 29.51
CA TYR A 137 15.53 15.53 28.62
C TYR A 137 15.35 16.00 27.19
N ARG A 138 16.01 15.28 26.26
CA ARG A 138 16.02 15.60 24.83
C ARG A 138 15.66 14.40 23.96
N GLN A 139 15.46 13.23 24.56
CA GLN A 139 15.09 12.02 23.81
C GLN A 139 13.82 11.36 24.34
N VAL A 140 13.06 10.75 23.42
CA VAL A 140 11.83 9.99 23.67
C VAL A 140 11.88 8.77 22.74
N GLY A 141 11.71 7.58 23.29
CA GLY A 141 11.77 6.34 22.53
C GLY A 141 10.85 5.27 23.05
N VAL A 142 10.41 4.37 22.16
CA VAL A 142 9.53 3.25 22.52
C VAL A 142 10.29 1.94 22.46
N PHE A 143 10.17 1.14 23.52
CA PHE A 143 10.79 -0.16 23.72
C PHE A 143 9.72 -1.22 23.88
N THR A 144 9.93 -2.37 23.25
CA THR A 144 9.01 -3.51 23.33
C THR A 144 9.80 -4.64 23.92
N ASP A 145 9.13 -5.53 24.68
CA ASP A 145 9.72 -6.72 25.30
C ASP A 145 10.66 -6.33 26.45
N LEU A 146 10.30 -5.26 27.17
CA LEU A 146 11.02 -4.77 28.32
C LEU A 146 10.77 -5.70 29.53
N ALA A 147 11.84 -6.22 30.12
CA ALA A 147 11.74 -7.15 31.24
C ALA A 147 11.86 -6.40 32.56
N PRO A 148 10.76 -6.17 33.34
CA PRO A 148 10.91 -5.47 34.61
C PRO A 148 11.52 -6.48 35.57
N LYS A 149 12.49 -6.05 36.39
CA LYS A 149 13.10 -6.99 37.36
C LYS A 149 12.00 -7.71 38.16
N SER A 150 12.02 -9.06 38.23
CA SER A 150 11.10 -9.86 39.07
C SER A 150 10.69 -9.07 40.35
N GLY A 151 9.39 -9.11 40.64
CA GLY A 151 8.81 -8.41 41.80
C GLY A 151 8.36 -6.98 41.57
N VAL A 152 8.38 -6.46 40.30
CA VAL A 152 7.94 -5.07 40.04
C VAL A 152 6.86 -5.00 38.93
N THR A 153 5.71 -4.42 39.30
CA THR A 153 4.50 -4.21 38.50
C THR A 153 4.29 -2.75 38.09
N LYS A 154 4.86 -1.80 38.86
CA LYS A 154 4.70 -0.35 38.66
C LYS A 154 5.05 0.11 37.23
N PRO A 155 4.31 1.10 36.69
CA PRO A 155 4.58 1.53 35.29
C PRO A 155 5.83 2.38 35.10
N ASN A 156 6.34 2.97 36.18
CA ASN A 156 7.51 3.84 36.19
C ASN A 156 8.72 3.08 36.69
N LEU A 157 9.66 2.83 35.77
CA LEU A 157 10.87 2.07 36.06
C LEU A 157 12.15 2.85 35.88
N LEU A 158 13.01 2.85 36.89
CA LEU A 158 14.34 3.44 36.84
C LEU A 158 15.18 2.47 36.00
N PRO A 159 16.31 2.89 35.34
CA PRO A 159 17.11 1.92 34.56
C PRO A 159 17.65 0.79 35.45
N SER A 160 17.84 1.05 36.78
CA SER A 160 18.29 0.03 37.72
C SER A 160 17.16 -0.97 38.07
N GLU A 161 15.93 -0.67 37.63
CA GLU A 161 14.77 -1.53 37.92
C GLU A 161 14.40 -2.44 36.75
N VAL A 162 14.89 -2.12 35.50
CA VAL A 162 14.68 -2.92 34.29
C VAL A 162 15.72 -4.03 34.17
N ALA A 163 15.26 -5.29 34.04
CA ALA A 163 16.07 -6.52 33.87
C ALA A 163 16.67 -6.63 32.46
N ASN A 164 15.91 -6.23 31.38
CA ASN A 164 16.36 -6.27 29.99
C ASN A 164 15.46 -5.28 29.25
N VAL A 165 16.04 -4.15 28.78
CA VAL A 165 15.33 -3.03 28.14
C VAL A 165 14.46 -3.41 26.92
N GLY A 166 14.67 -4.60 26.37
CA GLY A 166 13.94 -5.09 25.23
C GLY A 166 14.50 -4.59 23.91
N VAL A 167 13.65 -4.03 23.02
CA VAL A 167 14.06 -3.59 21.68
C VAL A 167 13.60 -2.15 21.45
N LEU A 168 14.56 -1.23 21.23
CA LEU A 168 14.21 0.16 20.93
C LEU A 168 13.63 0.17 19.50
N GLN A 169 12.33 0.36 19.39
CA GLN A 169 11.65 0.34 18.08
C GLN A 169 11.78 1.65 17.34
N PHE A 170 11.47 2.77 18.02
CA PHE A 170 11.59 4.11 17.41
C PHE A 170 11.88 5.12 18.49
N PHE A 171 12.59 6.19 18.12
CA PHE A 171 12.93 7.26 19.04
C PHE A 171 12.97 8.60 18.31
N GLU A 172 13.01 9.70 19.06
CA GLU A 172 13.06 11.08 18.52
C GLU A 172 13.96 11.98 19.35
N ASN A 173 14.70 12.88 18.68
CA ASN A 173 15.62 13.85 19.26
C ASN A 173 14.97 15.21 19.14
N LYS A 174 14.81 15.89 20.25
CA LYS A 174 14.13 17.18 20.29
C LYS A 174 14.80 18.17 21.22
N GLN A 175 14.28 19.39 21.22
CA GLN A 175 14.75 20.45 22.10
C GLN A 175 14.38 20.10 23.53
N PHE A 176 15.26 20.46 24.48
CA PHE A 176 15.12 20.15 25.89
C PHE A 176 13.83 20.60 26.51
N GLN A 177 13.36 19.79 27.45
CA GLN A 177 12.20 20.06 28.23
C GLN A 177 12.61 19.75 29.65
N ASN A 178 12.24 20.65 30.56
CA ASN A 178 12.58 20.50 31.95
C ASN A 178 11.38 19.92 32.68
N ARG A 179 11.64 18.90 33.49
CA ARG A 179 10.63 18.25 34.31
C ARG A 179 10.94 18.44 35.78
N THR A 180 9.93 18.85 36.54
CA THR A 180 10.02 19.12 37.98
C THR A 180 8.96 18.25 38.68
N PRO A 181 8.99 18.07 40.03
CA PRO A 181 7.95 17.26 40.67
C PRO A 181 6.52 17.77 40.44
N GLN A 182 6.39 19.02 39.96
CA GLN A 182 5.14 19.74 39.70
C GLN A 182 4.72 19.70 38.22
N VAL A 183 5.60 19.16 37.36
CA VAL A 183 5.38 19.10 35.92
C VAL A 183 4.94 17.70 35.46
N THR A 184 3.92 17.65 34.57
CA THR A 184 3.43 16.43 33.93
C THR A 184 3.71 16.61 32.44
N ALA A 185 4.60 15.78 31.90
CA ALA A 185 4.96 15.85 30.50
C ALA A 185 4.22 14.76 29.72
N ARG A 186 3.35 15.15 28.77
CA ARG A 186 2.64 14.19 27.96
C ARG A 186 3.35 14.06 26.65
N GLU A 187 3.93 12.87 26.45
CA GLU A 187 4.67 12.56 25.24
C GLU A 187 3.90 11.61 24.35
N ARG A 188 3.57 12.08 23.14
CA ARG A 188 2.89 11.26 22.13
C ARG A 188 3.63 11.32 20.79
N PHE A 189 3.66 10.19 20.04
CA PHE A 189 4.30 10.17 18.74
C PHE A 189 3.69 9.11 17.83
N VAL A 190 3.77 9.39 16.52
CA VAL A 190 3.29 8.55 15.43
C VAL A 190 4.50 8.07 14.60
N ALA A 191 4.63 6.74 14.47
CA ALA A 191 5.72 6.15 13.73
C ALA A 191 5.21 5.35 12.55
N GLU A 192 5.83 5.54 11.38
CA GLU A 192 5.49 4.78 10.18
C GLU A 192 6.26 3.47 10.22
N LEU A 193 5.64 2.38 9.77
CA LEU A 193 6.29 1.06 9.73
C LEU A 193 6.46 0.54 8.32
N GLU B 14 1.35 22.85 36.39
CA GLU B 14 1.97 22.88 35.06
C GLU B 14 1.99 21.53 34.31
N ASN B 15 1.57 21.55 33.02
CA ASN B 15 1.53 20.38 32.11
C ASN B 15 2.14 20.71 30.74
N LEU B 16 2.98 19.80 30.20
CA LEU B 16 3.63 19.95 28.90
C LEU B 16 3.07 18.96 27.89
N TYR B 17 2.91 19.38 26.62
CA TYR B 17 2.36 18.53 25.56
C TYR B 17 3.20 18.59 24.28
N PHE B 18 3.61 17.41 23.77
CA PHE B 18 4.38 17.29 22.53
C PHE B 18 3.85 16.16 21.67
N GLN B 19 3.82 16.40 20.35
CA GLN B 19 3.40 15.46 19.30
C GLN B 19 4.49 15.46 18.19
N GLY B 20 5.21 14.35 18.03
CA GLY B 20 6.31 14.30 17.07
C GLY B 20 6.34 13.19 16.04
N SER B 21 7.39 13.24 15.17
CA SER B 21 7.68 12.31 14.07
C SER B 21 8.98 11.48 14.35
N ALA B 22 8.79 10.33 14.95
CA ALA B 22 9.91 9.46 15.29
C ALA B 22 10.19 8.48 14.16
N ILE B 23 11.47 8.21 13.95
CA ILE B 23 11.95 7.30 12.92
C ILE B 23 12.19 5.92 13.49
N ALA B 24 11.98 4.87 12.68
CA ALA B 24 12.22 3.49 13.09
C ALA B 24 13.72 3.23 13.15
N THR B 25 14.14 2.41 14.10
CA THR B 25 15.55 2.03 14.26
C THR B 25 15.89 0.92 13.25
N TYR B 26 17.18 0.62 13.07
CA TYR B 26 17.67 -0.47 12.22
C TYR B 26 17.13 -1.77 12.83
N ASN B 27 17.26 -1.91 14.17
CA ASN B 27 16.78 -3.07 14.93
C ASN B 27 15.27 -3.33 14.80
N ALA B 28 14.46 -2.29 14.55
CA ALA B 28 13.02 -2.45 14.32
C ALA B 28 12.78 -3.31 13.07
N HIS B 29 13.60 -3.10 12.00
CA HIS B 29 13.55 -3.88 10.76
C HIS B 29 13.96 -5.34 11.00
N VAL B 30 15.02 -5.55 11.80
CA VAL B 30 15.53 -6.87 12.18
C VAL B 30 14.44 -7.63 12.98
N TYR B 31 13.78 -6.93 13.92
CA TYR B 31 12.67 -7.43 14.75
C TYR B 31 11.51 -7.90 13.85
N ALA B 32 11.18 -7.12 12.82
CA ALA B 32 10.13 -7.45 11.84
C ALA B 32 10.50 -8.71 11.08
N ALA B 33 11.78 -8.84 10.67
CA ALA B 33 12.30 -10.00 9.95
C ALA B 33 12.26 -11.25 10.85
N LEU B 34 12.61 -11.07 12.15
CA LEU B 34 12.58 -12.13 13.12
C LEU B 34 11.14 -12.58 13.34
N ASN B 35 10.19 -11.64 13.28
CA ASN B 35 8.77 -11.95 13.45
C ASN B 35 8.27 -12.82 12.31
N LEU B 36 8.73 -12.56 11.07
CA LEU B 36 8.32 -13.39 9.93
C LEU B 36 8.89 -14.80 10.02
N LYS B 37 10.17 -14.93 10.45
CA LYS B 37 10.86 -16.21 10.66
C LYS B 37 10.12 -17.06 11.70
N SER B 38 9.52 -16.42 12.70
CA SER B 38 8.75 -17.13 13.72
C SER B 38 7.46 -17.78 13.16
N LYS B 39 7.02 -17.34 11.96
CA LYS B 39 5.81 -17.85 11.30
C LYS B 39 6.12 -19.00 10.32
N VAL B 40 7.35 -19.56 10.41
CA VAL B 40 7.89 -20.62 9.54
C VAL B 40 6.90 -21.79 9.32
N ASP B 41 6.22 -22.29 10.38
CA ASP B 41 5.27 -23.40 10.30
C ASP B 41 4.07 -23.14 9.37
N THR B 42 3.79 -21.87 9.08
CA THR B 42 2.66 -21.47 8.27
C THR B 42 3.06 -20.55 7.10
N THR B 43 4.34 -20.61 6.67
CA THR B 43 4.87 -19.78 5.58
C THR B 43 4.92 -20.57 4.26
N PHE B 44 4.32 -20.00 3.22
CA PHE B 44 4.26 -20.65 1.91
C PHE B 44 4.76 -19.75 0.81
N MSE B 45 5.37 -20.35 -0.19
CA MSE B 45 5.79 -19.65 -1.40
C MSE B 45 4.86 -20.09 -2.50
O MSE B 45 4.61 -21.28 -2.69
CB MSE B 45 7.25 -19.92 -1.78
CG MSE B 45 7.76 -18.89 -2.75
SE MSE B 45 9.52 -19.30 -3.48
CE MSE B 45 10.57 -18.66 -1.99
N ALA B 46 4.31 -19.10 -3.21
CA ALA B 46 3.38 -19.35 -4.29
C ALA B 46 3.99 -18.96 -5.60
N ILE B 47 3.46 -19.54 -6.67
CA ILE B 47 3.81 -19.27 -8.05
C ILE B 47 2.52 -18.94 -8.80
N GLY B 48 2.61 -17.99 -9.74
CA GLY B 48 1.46 -17.57 -10.53
C GLY B 48 1.82 -16.90 -11.83
N LYS B 49 0.80 -16.27 -12.46
CA LYS B 49 0.85 -15.54 -13.72
C LYS B 49 1.19 -16.49 -14.87
N THR B 50 0.20 -17.33 -15.24
CA THR B 50 0.26 -18.33 -16.31
C THR B 50 0.28 -17.65 -17.68
N THR B 51 -0.44 -16.52 -17.80
CA THR B 51 -0.54 -15.73 -19.03
C THR B 51 0.68 -14.81 -19.16
N ALA B 52 1.08 -14.54 -20.40
CA ALA B 52 2.20 -13.67 -20.76
C ALA B 52 2.00 -12.23 -20.32
N TRP B 53 3.11 -11.53 -20.01
CA TRP B 53 3.10 -10.11 -19.70
C TRP B 53 2.87 -9.39 -21.05
N THR B 54 2.52 -8.09 -21.04
CA THR B 54 2.35 -7.30 -22.27
C THR B 54 3.67 -7.33 -23.06
N ASP B 55 4.81 -7.23 -22.35
CA ASP B 55 6.16 -7.35 -22.89
C ASP B 55 6.84 -8.41 -22.06
N GLU B 56 6.91 -9.62 -22.61
CA GLU B 56 7.50 -10.80 -21.98
C GLU B 56 8.96 -10.59 -21.54
N THR B 57 9.71 -9.74 -22.29
CA THR B 57 11.11 -9.41 -22.02
C THR B 57 11.26 -8.36 -20.91
N ASN B 58 10.22 -7.54 -20.69
CA ASN B 58 10.23 -6.50 -19.64
C ASN B 58 8.99 -6.59 -18.74
N PRO B 59 9.08 -7.34 -17.62
CA PRO B 59 7.90 -7.48 -16.73
C PRO B 59 7.58 -6.19 -15.96
N PRO B 60 6.28 -5.90 -15.71
CA PRO B 60 5.94 -4.66 -14.97
C PRO B 60 6.37 -4.69 -13.53
N GLU B 61 6.59 -3.51 -12.95
CA GLU B 61 6.96 -3.36 -11.54
C GLU B 61 5.85 -3.88 -10.61
N PRO B 62 6.21 -4.64 -9.56
CA PRO B 62 5.18 -5.19 -8.67
C PRO B 62 4.48 -4.09 -7.86
N ASP B 63 3.14 -4.07 -7.90
CA ASP B 63 2.36 -3.08 -7.16
C ASP B 63 2.20 -3.53 -5.69
N PRO B 64 2.63 -2.71 -4.70
CA PRO B 64 2.54 -3.15 -3.30
C PRO B 64 1.11 -3.29 -2.74
N ASN B 65 0.10 -2.78 -3.46
CA ASN B 65 -1.30 -2.91 -3.03
C ASN B 65 -1.87 -4.31 -3.28
N ALA B 66 -1.07 -5.22 -3.87
CA ALA B 66 -1.48 -6.59 -4.17
C ALA B 66 -1.66 -7.38 -2.89
N THR B 67 -2.76 -8.13 -2.82
CA THR B 67 -3.13 -8.96 -1.66
C THR B 67 -2.92 -10.44 -1.96
N GLY B 68 -2.61 -10.74 -3.23
CA GLY B 68 -2.34 -12.07 -3.75
C GLY B 68 -1.77 -12.02 -5.14
N LEU B 69 -1.37 -13.19 -5.69
CA LEU B 69 -0.83 -13.28 -7.05
C LEU B 69 -1.97 -13.33 -8.06
N THR B 70 -1.74 -12.84 -9.30
CA THR B 70 -2.73 -12.77 -10.38
C THR B 70 -3.44 -14.15 -10.63
N GLU B 71 -2.87 -14.99 -11.47
CA GLU B 71 -3.35 -16.33 -11.82
C GLU B 71 -2.55 -17.34 -10.98
N VAL B 72 -2.81 -17.35 -9.64
CA VAL B 72 -2.11 -18.24 -8.70
C VAL B 72 -2.26 -19.73 -9.12
N ILE B 73 -1.12 -20.44 -9.22
CA ILE B 73 -1.04 -21.84 -9.63
C ILE B 73 -1.16 -22.74 -8.41
N GLY B 74 -0.38 -22.42 -7.37
CA GLY B 74 -0.33 -23.20 -6.15
C GLY B 74 0.62 -22.66 -5.11
N TYR B 75 0.53 -23.23 -3.92
CA TYR B 75 1.28 -22.85 -2.73
C TYR B 75 2.16 -24.02 -2.30
N LYS B 76 3.45 -23.74 -2.03
CA LYS B 76 4.39 -24.75 -1.57
C LYS B 76 5.12 -24.24 -0.33
N LYS B 77 5.12 -25.05 0.75
CA LYS B 77 5.80 -24.71 2.00
C LYS B 77 7.28 -24.55 1.74
N LEU B 78 7.92 -23.56 2.37
CA LEU B 78 9.33 -23.25 2.19
C LEU B 78 10.26 -24.39 2.58
N LYS B 79 11.32 -24.57 1.79
CA LYS B 79 12.38 -25.54 2.03
C LYS B 79 13.32 -24.88 3.05
N THR B 80 13.62 -23.60 2.84
CA THR B 80 14.49 -22.82 3.72
C THR B 80 13.97 -21.40 3.88
N MSE B 81 14.08 -20.89 5.10
CA MSE B 81 13.71 -19.54 5.48
C MSE B 81 14.73 -19.10 6.51
O MSE B 81 14.84 -19.70 7.57
CB MSE B 81 12.28 -19.47 6.07
CG MSE B 81 11.79 -18.05 6.28
SE MSE B 81 9.95 -17.94 6.94
CE MSE B 81 10.22 -18.37 8.52
N SER B 82 15.53 -18.09 6.17
CA SER B 82 16.57 -17.63 7.08
C SER B 82 16.77 -16.14 7.00
N LEU B 83 17.26 -15.56 8.09
CA LEU B 83 17.61 -14.14 8.09
C LEU B 83 18.96 -14.05 7.36
N CYS B 84 19.21 -12.90 6.73
CA CYS B 84 20.43 -12.69 5.96
C CYS B 84 20.75 -11.22 5.80
N ARG B 85 21.93 -10.95 5.20
CA ARG B 85 22.44 -9.62 4.92
C ARG B 85 23.42 -9.68 3.73
N PRO B 86 23.61 -8.61 2.94
CA PRO B 86 24.60 -8.68 1.86
C PRO B 86 26.01 -8.89 2.40
N GLN B 87 26.87 -9.56 1.61
CA GLN B 87 28.26 -9.77 1.99
C GLN B 87 29.00 -8.44 1.86
N ARG B 88 29.90 -8.12 2.81
CA ARG B 88 30.72 -6.91 2.78
C ARG B 88 31.76 -7.06 1.65
N THR B 89 32.28 -5.93 1.12
CA THR B 89 33.24 -5.91 0.01
C THR B 89 34.52 -6.75 0.31
N GLY B 90 35.07 -6.61 1.52
CA GLY B 90 36.28 -7.32 1.95
C GLY B 90 36.07 -8.56 2.80
N GLU B 91 34.80 -8.96 3.01
CA GLU B 91 34.42 -10.12 3.80
C GLU B 91 34.65 -11.46 3.09
N THR B 92 35.20 -12.43 3.84
CA THR B 92 35.40 -13.83 3.48
C THR B 92 34.45 -14.55 4.46
N PRO B 93 33.17 -14.74 4.06
CA PRO B 93 32.19 -15.29 5.01
C PRO B 93 32.42 -16.71 5.50
N THR B 94 32.29 -16.87 6.82
CA THR B 94 32.39 -18.13 7.55
C THR B 94 31.04 -18.85 7.33
N LEU B 95 29.94 -18.10 7.53
CA LEU B 95 28.56 -18.57 7.42
C LEU B 95 28.15 -18.92 5.98
N PRO B 96 27.01 -19.65 5.77
CA PRO B 96 26.59 -19.97 4.39
C PRO B 96 26.17 -18.74 3.58
N THR B 97 26.41 -18.82 2.27
CA THR B 97 26.11 -17.76 1.31
C THR B 97 25.16 -18.22 0.21
N VAL B 98 24.30 -17.31 -0.28
CA VAL B 98 23.34 -17.52 -1.37
C VAL B 98 23.43 -16.39 -2.38
N SER B 99 22.90 -16.59 -3.60
CA SER B 99 22.90 -15.60 -4.69
C SER B 99 21.49 -15.18 -5.12
N TYR B 100 21.21 -13.87 -5.05
CA TYR B 100 19.94 -13.26 -5.46
C TYR B 100 20.18 -11.85 -5.98
N GLY B 101 19.43 -11.48 -7.02
CA GLY B 101 19.56 -10.23 -7.72
C GLY B 101 20.81 -10.31 -8.59
N ASN B 102 21.90 -9.73 -8.09
CA ASN B 102 23.22 -9.69 -8.73
C ASN B 102 24.31 -9.83 -7.65
N LYS B 103 23.87 -9.89 -6.39
CA LYS B 103 24.70 -9.93 -5.18
C LYS B 103 24.72 -11.31 -4.49
N THR B 104 25.57 -11.41 -3.45
CA THR B 104 25.70 -12.55 -2.54
C THR B 104 25.11 -12.11 -1.17
N TRP B 105 24.47 -13.05 -0.47
CA TRP B 105 23.85 -12.84 0.83
C TRP B 105 24.40 -13.84 1.83
N VAL B 106 24.76 -13.36 3.02
CA VAL B 106 25.29 -14.19 4.10
C VAL B 106 24.11 -14.60 4.99
N LEU B 107 23.82 -15.91 5.08
CA LEU B 107 22.73 -16.42 5.92
C LEU B 107 23.15 -16.34 7.39
N VAL B 108 22.31 -15.69 8.19
CA VAL B 108 22.57 -15.41 9.60
C VAL B 108 21.58 -16.15 10.51
N PRO B 109 22.04 -16.96 11.51
CA PRO B 109 21.08 -17.62 12.42
C PRO B 109 20.40 -16.60 13.31
N ASP B 110 19.16 -16.87 13.75
CA ASP B 110 18.33 -15.97 14.57
C ASP B 110 19.07 -15.29 15.74
N ALA B 111 19.95 -16.03 16.45
CA ALA B 111 20.73 -15.53 17.58
C ALA B 111 21.67 -14.39 17.24
N GLN B 112 22.19 -14.35 16.02
CA GLN B 112 23.11 -13.30 15.57
C GLN B 112 22.44 -12.19 14.74
N ALA B 113 21.09 -12.20 14.67
CA ALA B 113 20.25 -11.25 13.92
C ALA B 113 20.63 -9.78 14.10
N TYR B 114 20.69 -9.31 15.37
CA TYR B 114 21.04 -7.93 15.69
C TYR B 114 22.53 -7.64 15.57
N THR B 115 23.39 -8.59 16.00
CA THR B 115 24.85 -8.44 15.92
C THR B 115 25.31 -8.31 14.45
N GLU B 116 24.68 -9.07 13.54
CA GLU B 116 24.98 -9.04 12.11
C GLU B 116 24.16 -8.02 11.33
N GLY B 117 23.13 -7.44 11.96
CA GLY B 117 22.24 -6.49 11.33
C GLY B 117 21.48 -7.05 10.15
N ALA B 118 20.98 -8.28 10.31
CA ALA B 118 20.25 -8.98 9.25
C ALA B 118 18.80 -8.52 9.17
N LYS B 119 18.55 -7.39 8.44
CA LYS B 119 17.19 -6.87 8.24
C LYS B 119 16.51 -7.46 6.98
N TRP B 120 17.20 -8.40 6.29
CA TRP B 120 16.72 -9.08 5.09
C TRP B 120 16.33 -10.51 5.40
N LEU B 121 15.36 -11.02 4.64
CA LEU B 121 14.85 -12.37 4.77
C LEU B 121 15.05 -13.17 3.48
N TYR B 122 15.61 -14.39 3.60
CA TYR B 122 15.87 -15.31 2.50
C TYR B 122 14.86 -16.43 2.56
N CYS B 123 14.19 -16.68 1.44
CA CYS B 123 13.19 -17.73 1.33
C CYS B 123 13.48 -18.56 0.10
N GLU B 124 13.32 -19.88 0.23
CA GLU B 124 13.56 -20.85 -0.82
C GLU B 124 12.49 -21.92 -0.76
N ALA B 125 12.00 -22.33 -1.94
CA ALA B 125 11.01 -23.40 -2.10
C ALA B 125 11.28 -24.18 -3.38
N GLU B 126 11.11 -25.51 -3.31
CA GLU B 126 11.31 -26.42 -4.41
C GLU B 126 9.96 -26.82 -5.01
N PHE B 127 9.79 -26.60 -6.32
CA PHE B 127 8.58 -26.95 -7.06
C PHE B 127 8.90 -28.18 -7.90
N VAL B 128 8.74 -29.37 -7.27
CA VAL B 128 9.11 -30.64 -7.88
C VAL B 128 7.96 -31.20 -8.77
N GLY B 129 8.24 -31.21 -10.06
CA GLY B 129 7.34 -31.73 -11.09
C GLY B 129 5.88 -31.33 -11.02
N ASP B 130 5.00 -32.33 -11.08
CA ASP B 130 3.54 -32.15 -11.11
C ASP B 130 2.87 -32.03 -9.73
N GLU B 131 3.66 -31.79 -8.64
CA GLU B 131 3.09 -31.62 -7.28
C GLU B 131 2.08 -30.45 -7.24
N LEU B 132 2.25 -29.53 -8.20
CA LEU B 132 1.40 -28.39 -8.51
C LEU B 132 1.24 -28.34 -10.04
N PRO B 133 0.13 -27.79 -10.60
CA PRO B 133 -0.03 -27.80 -12.07
C PRO B 133 1.15 -27.26 -12.85
N VAL B 134 1.58 -28.02 -13.86
CA VAL B 134 2.71 -27.73 -14.74
C VAL B 134 2.40 -26.60 -15.72
N GLY B 135 3.46 -25.93 -16.22
CA GLY B 135 3.37 -24.85 -17.18
C GLY B 135 4.25 -23.66 -16.87
N THR B 136 3.98 -22.54 -17.51
CA THR B 136 4.74 -21.32 -17.32
C THR B 136 4.24 -20.54 -16.11
N TYR B 137 5.16 -19.82 -15.45
CA TYR B 137 4.87 -18.95 -14.31
C TYR B 137 5.78 -17.72 -14.34
N ARG B 138 5.22 -16.57 -13.98
CA ARG B 138 5.93 -15.29 -14.01
C ARG B 138 6.00 -14.57 -12.63
N GLN B 139 5.25 -15.09 -11.64
CA GLN B 139 5.19 -14.51 -10.30
C GLN B 139 5.63 -15.50 -9.22
N VAL B 140 6.27 -14.95 -8.20
CA VAL B 140 6.70 -15.66 -7.00
C VAL B 140 6.40 -14.75 -5.79
N GLY B 141 5.70 -15.30 -4.81
CA GLY B 141 5.35 -14.55 -3.62
C GLY B 141 5.36 -15.38 -2.36
N VAL B 142 5.62 -14.73 -1.22
CA VAL B 142 5.64 -15.41 0.08
C VAL B 142 4.44 -14.97 0.93
N PHE B 143 3.72 -15.97 1.47
CA PHE B 143 2.53 -15.83 2.29
C PHE B 143 2.81 -16.39 3.68
N THR B 144 2.35 -15.69 4.71
CA THR B 144 2.49 -16.14 6.10
C THR B 144 1.09 -16.28 6.63
N ASP B 145 0.89 -17.21 7.59
CA ASP B 145 -0.40 -17.47 8.24
C ASP B 145 -1.42 -18.08 7.26
N LEU B 146 -0.92 -18.92 6.33
CA LEU B 146 -1.72 -19.64 5.35
C LEU B 146 -2.45 -20.79 6.05
N ALA B 147 -3.77 -20.81 5.90
CA ALA B 147 -4.64 -21.81 6.47
C ALA B 147 -4.97 -22.91 5.47
N PRO B 148 -4.42 -24.12 5.64
CA PRO B 148 -4.80 -25.22 4.75
C PRO B 148 -6.19 -25.72 5.16
N LYS B 149 -7.06 -26.07 4.19
CA LYS B 149 -8.41 -26.56 4.50
C LYS B 149 -8.32 -27.69 5.53
N SER B 150 -9.04 -27.54 6.68
CA SER B 150 -9.08 -28.47 7.82
C SER B 150 -7.66 -28.78 8.36
N GLY B 151 -7.45 -30.01 8.84
CA GLY B 151 -6.18 -30.48 9.37
C GLY B 151 -5.32 -31.19 8.35
N VAL B 152 -5.08 -30.54 7.19
CA VAL B 152 -4.25 -31.14 6.15
C VAL B 152 -2.78 -30.70 6.36
N THR B 153 -1.84 -31.57 6.00
CA THR B 153 -0.44 -31.37 6.29
C THR B 153 0.45 -31.18 5.10
N LYS B 154 0.08 -31.73 3.91
CA LYS B 154 0.91 -31.73 2.69
C LYS B 154 1.47 -30.34 2.32
N PRO B 155 2.75 -30.28 1.87
CA PRO B 155 3.36 -28.97 1.57
C PRO B 155 2.87 -28.30 0.30
N ASN B 156 2.32 -29.09 -0.63
CA ASN B 156 1.85 -28.64 -1.93
C ASN B 156 0.34 -28.48 -1.92
N LEU B 157 -0.10 -27.23 -2.02
CA LEU B 157 -1.52 -26.89 -1.99
C LEU B 157 -2.00 -26.19 -3.24
N LEU B 158 -3.08 -26.71 -3.82
CA LEU B 158 -3.76 -26.09 -4.95
C LEU B 158 -4.54 -24.90 -4.35
N PRO B 159 -4.88 -23.84 -5.12
CA PRO B 159 -5.67 -22.73 -4.52
C PRO B 159 -7.03 -23.19 -3.97
N SER B 160 -7.59 -24.29 -4.54
CA SER B 160 -8.84 -24.88 -4.09
C SER B 160 -8.66 -25.63 -2.76
N GLU B 161 -7.40 -25.83 -2.32
CA GLU B 161 -7.07 -26.56 -1.09
C GLU B 161 -6.79 -25.64 0.10
N VAL B 162 -6.52 -24.33 -0.17
CA VAL B 162 -6.26 -23.30 0.84
C VAL B 162 -7.57 -22.68 1.37
N ALA B 163 -7.77 -22.71 2.70
CA ALA B 163 -8.92 -22.13 3.40
C ALA B 163 -8.81 -20.59 3.55
N ASN B 164 -7.59 -20.07 3.82
CA ASN B 164 -7.29 -18.64 3.97
C ASN B 164 -5.82 -18.46 3.63
N VAL B 165 -5.53 -17.81 2.48
CA VAL B 165 -4.18 -17.62 1.93
C VAL B 165 -3.20 -16.91 2.89
N GLY B 166 -3.70 -16.29 3.94
CA GLY B 166 -2.88 -15.58 4.91
C GLY B 166 -2.56 -14.15 4.48
N VAL B 167 -1.27 -13.78 4.59
CA VAL B 167 -0.83 -12.42 4.25
C VAL B 167 0.31 -12.47 3.24
N LEU B 168 0.10 -11.88 2.04
CA LEU B 168 1.13 -11.82 1.03
C LEU B 168 2.15 -10.79 1.54
N GLN B 169 3.32 -11.27 1.96
CA GLN B 169 4.35 -10.41 2.56
C GLN B 169 5.17 -9.71 1.47
N PHE B 170 5.65 -10.48 0.49
CA PHE B 170 6.43 -9.92 -0.63
C PHE B 170 6.25 -10.80 -1.84
N PHE B 171 6.30 -10.18 -3.02
CA PHE B 171 6.22 -10.90 -4.28
C PHE B 171 7.12 -10.27 -5.32
N GLU B 172 7.27 -10.94 -6.44
CA GLU B 172 8.14 -10.53 -7.53
C GLU B 172 7.48 -10.79 -8.86
N ASN B 173 7.77 -9.94 -9.84
CA ASN B 173 7.33 -10.11 -11.21
C ASN B 173 8.60 -10.35 -12.02
N LYS B 174 8.69 -11.49 -12.70
CA LYS B 174 9.86 -11.82 -13.49
C LYS B 174 9.51 -12.44 -14.83
N GLN B 175 10.55 -12.70 -15.63
CA GLN B 175 10.40 -13.36 -16.92
C GLN B 175 10.02 -14.82 -16.66
N PHE B 176 9.19 -15.38 -17.55
CA PHE B 176 8.64 -16.74 -17.43
C PHE B 176 9.66 -17.84 -17.19
N GLN B 177 9.22 -18.86 -16.48
CA GLN B 177 9.96 -20.10 -16.31
C GLN B 177 8.97 -21.24 -16.59
N ASN B 178 9.42 -22.32 -17.25
CA ASN B 178 8.55 -23.46 -17.57
C ASN B 178 8.84 -24.63 -16.64
N ARG B 179 7.76 -25.22 -16.11
CA ARG B 179 7.85 -26.40 -15.26
C ARG B 179 7.11 -27.58 -15.90
N THR B 180 7.74 -28.76 -15.91
CA THR B 180 7.20 -29.99 -16.49
C THR B 180 7.22 -31.07 -15.40
N PRO B 181 6.54 -32.23 -15.54
CA PRO B 181 6.60 -33.24 -14.46
C PRO B 181 8.02 -33.75 -14.17
N GLN B 182 8.96 -33.47 -15.08
CA GLN B 182 10.37 -33.87 -15.02
C GLN B 182 11.29 -32.76 -14.49
N VAL B 183 10.74 -31.55 -14.32
CA VAL B 183 11.49 -30.38 -13.86
C VAL B 183 11.29 -30.09 -12.36
N THR B 184 12.39 -29.75 -11.66
CA THR B 184 12.39 -29.29 -10.28
C THR B 184 12.89 -27.86 -10.32
N ALA B 185 12.02 -26.91 -9.96
CA ALA B 185 12.35 -25.47 -9.94
C ALA B 185 12.66 -25.05 -8.52
N ARG B 186 13.89 -24.55 -8.31
CA ARG B 186 14.31 -24.05 -7.00
C ARG B 186 14.23 -22.52 -7.02
N GLU B 187 13.15 -21.98 -6.46
CA GLU B 187 12.92 -20.55 -6.36
C GLU B 187 13.43 -19.99 -5.06
N ARG B 188 14.31 -19.00 -5.17
CA ARG B 188 14.94 -18.29 -4.06
C ARG B 188 14.72 -16.78 -4.22
N PHE B 189 14.41 -16.08 -3.12
CA PHE B 189 14.37 -14.62 -3.14
C PHE B 189 14.73 -14.02 -1.79
N VAL B 190 15.33 -12.83 -1.83
CA VAL B 190 15.77 -12.04 -0.69
C VAL B 190 14.95 -10.76 -0.64
N ALA B 191 14.27 -10.54 0.49
CA ALA B 191 13.42 -9.36 0.71
C ALA B 191 13.92 -8.53 1.85
N GLU B 192 13.96 -7.20 1.64
CA GLU B 192 14.37 -6.25 2.67
C GLU B 192 13.16 -5.93 3.51
N LEU B 193 13.36 -5.76 4.83
CA LEU B 193 12.28 -5.41 5.76
C LEU B 193 12.49 -4.06 6.43
N GLY C 20 -20.68 43.72 -11.95
CA GLY C 20 -20.55 42.30 -12.21
C GLY C 20 -21.23 41.41 -11.19
N SER C 21 -20.70 40.19 -11.01
CA SER C 21 -21.19 39.15 -10.10
C SER C 21 -20.03 38.22 -9.65
N ALA C 22 -20.34 37.04 -9.10
CA ALA C 22 -19.35 36.06 -8.63
C ALA C 22 -18.98 35.05 -9.72
N ILE C 23 -17.67 34.76 -9.85
CA ILE C 23 -17.17 33.81 -10.84
C ILE C 23 -16.42 32.67 -10.17
N ALA C 24 -16.53 31.47 -10.76
CA ALA C 24 -15.82 30.29 -10.28
C ALA C 24 -14.35 30.40 -10.68
N THR C 25 -13.47 29.84 -9.85
CA THR C 25 -12.03 29.87 -10.09
C THR C 25 -11.66 28.76 -11.05
N TYR C 26 -10.42 28.80 -11.58
CA TYR C 26 -9.89 27.76 -12.45
C TYR C 26 -9.84 26.45 -11.63
N ASN C 27 -9.33 26.54 -10.38
CA ASN C 27 -9.21 25.42 -9.45
C ASN C 27 -10.56 24.76 -9.11
N ALA C 28 -11.69 25.51 -9.17
CA ALA C 28 -13.02 24.95 -8.93
C ALA C 28 -13.31 23.87 -10.00
N HIS C 29 -12.91 24.13 -11.26
CA HIS C 29 -13.09 23.21 -12.39
C HIS C 29 -12.22 21.96 -12.22
N VAL C 30 -10.97 22.15 -11.74
CA VAL C 30 -10.01 21.08 -11.47
C VAL C 30 -10.57 20.18 -10.35
N TYR C 31 -11.12 20.80 -9.30
CA TYR C 31 -11.75 20.15 -8.14
C TYR C 31 -12.91 19.24 -8.59
N ALA C 32 -13.74 19.74 -9.52
CA ALA C 32 -14.85 19.00 -10.10
C ALA C 32 -14.33 17.78 -10.89
N ALA C 33 -13.24 17.97 -11.67
CA ALA C 33 -12.61 16.92 -12.46
C ALA C 33 -12.01 15.87 -11.54
N LEU C 34 -11.39 16.30 -10.42
CA LEU C 34 -10.80 15.42 -9.44
C LEU C 34 -11.89 14.61 -8.76
N ASN C 35 -13.07 15.22 -8.58
CA ASN C 35 -14.20 14.54 -7.97
C ASN C 35 -14.68 13.40 -8.86
N LEU C 36 -14.71 13.60 -10.18
CA LEU C 36 -15.12 12.54 -11.11
C LEU C 36 -14.14 11.38 -11.15
N LYS C 37 -12.83 11.70 -11.15
CA LYS C 37 -11.75 10.71 -11.13
C LYS C 37 -11.83 9.85 -9.87
N SER C 38 -12.28 10.43 -8.75
CA SER C 38 -12.43 9.68 -7.49
C SER C 38 -13.52 8.60 -7.58
N LYS C 39 -14.41 8.70 -8.59
CA LYS C 39 -15.52 7.76 -8.81
C LYS C 39 -15.15 6.64 -9.81
N VAL C 40 -13.82 6.49 -10.10
CA VAL C 40 -13.24 5.53 -11.04
C VAL C 40 -13.80 4.08 -10.89
N ASP C 41 -13.93 3.58 -9.64
CA ASP C 41 -14.42 2.23 -9.36
C ASP C 41 -15.85 1.97 -9.85
N THR C 42 -16.61 3.05 -10.07
CA THR C 42 -18.01 2.97 -10.49
C THR C 42 -18.30 3.77 -11.77
N THR C 43 -17.26 4.02 -12.60
CA THR C 43 -17.37 4.78 -13.85
C THR C 43 -17.46 3.86 -15.06
N PHE C 44 -18.47 4.09 -15.90
CA PHE C 44 -18.71 3.26 -17.07
C PHE C 44 -18.91 4.08 -18.34
N MSE C 45 -18.47 3.54 -19.47
CA MSE C 45 -18.70 4.17 -20.77
C MSE C 45 -19.78 3.35 -21.47
O MSE C 45 -19.73 2.13 -21.48
CB MSE C 45 -17.42 4.26 -21.61
CG MSE C 45 -17.60 5.11 -22.86
SE MSE C 45 -15.97 5.37 -23.89
CE MSE C 45 -15.23 6.89 -22.96
N ALA C 46 -20.76 4.05 -22.01
CA ALA C 46 -21.86 3.42 -22.71
C ALA C 46 -21.84 3.79 -24.17
N ILE C 47 -22.38 2.90 -24.99
CA ILE C 47 -22.56 3.06 -26.42
C ILE C 47 -24.05 2.88 -26.74
N GLY C 48 -24.54 3.68 -27.68
CA GLY C 48 -25.95 3.64 -28.07
C GLY C 48 -26.24 4.23 -29.43
N LYS C 49 -27.55 4.44 -29.71
CA LYS C 49 -28.11 4.98 -30.94
C LYS C 49 -27.86 4.04 -32.11
N THR C 50 -28.61 2.91 -32.10
CA THR C 50 -28.56 1.84 -33.10
C THR C 50 -29.18 2.31 -34.41
N THR C 51 -30.20 3.16 -34.33
CA THR C 51 -30.90 3.72 -35.48
C THR C 51 -30.12 4.92 -36.05
N ALA C 52 -30.18 5.09 -37.38
CA ALA C 52 -29.53 6.15 -38.12
C ALA C 52 -30.01 7.54 -37.73
N TRP C 53 -29.12 8.55 -37.86
CA TRP C 53 -29.47 9.95 -37.65
C TRP C 53 -30.24 10.37 -38.92
N THR C 54 -30.97 11.50 -38.87
CA THR C 54 -31.70 12.05 -40.02
C THR C 54 -30.73 12.26 -41.18
N ASP C 55 -29.53 12.78 -40.87
CA ASP C 55 -28.42 12.97 -41.79
C ASP C 55 -27.22 12.26 -41.18
N GLU C 56 -26.88 11.07 -41.73
CA GLU C 56 -25.76 10.23 -41.26
C GLU C 56 -24.40 10.91 -41.34
N THR C 57 -24.25 11.87 -42.26
CA THR C 57 -23.02 12.64 -42.47
C THR C 57 -22.91 13.81 -41.48
N ASN C 58 -24.06 14.32 -40.99
CA ASN C 58 -24.09 15.42 -40.03
C ASN C 58 -24.93 15.09 -38.79
N PRO C 59 -24.31 14.54 -37.72
CA PRO C 59 -25.07 14.21 -36.50
C PRO C 59 -25.56 15.46 -35.74
N PRO C 60 -26.75 15.41 -35.10
CA PRO C 60 -27.23 16.58 -34.35
C PRO C 60 -26.39 16.86 -33.11
N GLU C 61 -26.40 18.13 -32.67
CA GLU C 61 -25.67 18.57 -31.48
C GLU C 61 -26.22 17.89 -30.22
N PRO C 62 -25.34 17.41 -29.32
CA PRO C 62 -25.82 16.73 -28.11
C PRO C 62 -26.54 17.68 -27.16
N ASP C 63 -27.76 17.32 -26.75
CA ASP C 63 -28.54 18.15 -25.84
C ASP C 63 -28.11 17.86 -24.39
N PRO C 64 -27.72 18.89 -23.61
CA PRO C 64 -27.27 18.64 -22.22
C PRO C 64 -28.36 18.18 -21.24
N ASN C 65 -29.64 18.29 -21.64
CA ASN C 65 -30.74 17.83 -20.79
C ASN C 65 -30.88 16.30 -20.75
N ALA C 66 -30.08 15.58 -21.56
CA ALA C 66 -30.10 14.11 -21.62
C ALA C 66 -29.64 13.49 -20.32
N THR C 67 -30.38 12.48 -19.84
CA THR C 67 -30.10 11.77 -18.59
C THR C 67 -29.55 10.37 -18.87
N GLY C 68 -29.55 10.00 -20.15
CA GLY C 68 -29.08 8.72 -20.66
C GLY C 68 -28.98 8.73 -22.18
N LEU C 69 -28.42 7.66 -22.76
CA LEU C 69 -28.31 7.53 -24.22
C LEU C 69 -29.63 7.01 -24.78
N THR C 70 -30.00 7.38 -26.02
CA THR C 70 -31.28 7.01 -26.66
C THR C 70 -31.57 5.48 -26.66
N GLU C 71 -30.95 4.72 -27.60
CA GLU C 71 -31.06 3.26 -27.73
C GLU C 71 -29.77 2.65 -27.16
N VAL C 72 -29.59 2.73 -25.82
CA VAL C 72 -28.40 2.22 -25.13
C VAL C 72 -28.19 0.72 -25.41
N ILE C 73 -26.97 0.38 -25.83
CA ILE C 73 -26.56 -0.98 -26.20
C ILE C 73 -26.01 -1.71 -24.96
N GLY C 74 -25.11 -1.04 -24.25
CA GLY C 74 -24.45 -1.59 -23.08
C GLY C 74 -23.46 -0.66 -22.43
N TYR C 75 -23.01 -1.06 -21.23
CA TYR C 75 -22.09 -0.34 -20.36
C TYR C 75 -20.80 -1.11 -20.20
N LYS C 76 -19.65 -0.43 -20.36
CA LYS C 76 -18.34 -1.04 -20.20
C LYS C 76 -17.48 -0.19 -19.28
N LYS C 77 -16.90 -0.79 -18.22
CA LYS C 77 -16.02 -0.10 -17.29
C LYS C 77 -14.82 0.45 -18.06
N LEU C 78 -14.39 1.67 -17.73
CA LEU C 78 -13.28 2.36 -18.38
C LEU C 78 -11.96 1.63 -18.28
N LYS C 79 -11.20 1.63 -19.38
CA LYS C 79 -9.84 1.07 -19.47
C LYS C 79 -8.91 2.12 -18.85
N THR C 80 -9.14 3.40 -19.18
CA THR C 80 -8.36 4.51 -18.68
C THR C 80 -9.23 5.73 -18.41
N MSE C 81 -8.97 6.39 -17.28
CA MSE C 81 -9.63 7.61 -16.84
C MSE C 81 -8.56 8.45 -16.20
O MSE C 81 -7.97 8.03 -15.20
CB MSE C 81 -10.76 7.34 -15.85
CG MSE C 81 -11.60 8.59 -15.53
SE MSE C 81 -13.02 8.25 -14.26
CE MSE C 81 -13.90 9.93 -14.39
N SER C 82 -8.29 9.61 -16.79
CA SER C 82 -7.24 10.46 -16.25
C SER C 82 -7.54 11.92 -16.43
N LEU C 83 -6.97 12.76 -15.56
CA LEU C 83 -7.07 14.19 -15.71
C LEU C 83 -6.08 14.57 -16.81
N CYS C 84 -6.36 15.64 -17.54
CA CYS C 84 -5.52 16.07 -18.65
C CYS C 84 -5.71 17.54 -18.97
N ARG C 85 -4.87 18.04 -19.89
CA ARG C 85 -4.87 19.41 -20.37
C ARG C 85 -4.26 19.49 -21.78
N PRO C 86 -4.60 20.49 -22.62
CA PRO C 86 -3.94 20.59 -23.94
C PRO C 86 -2.44 20.81 -23.79
N GLN C 87 -1.66 20.36 -24.76
CA GLN C 87 -0.22 20.55 -24.77
C GLN C 87 0.09 22.04 -25.00
N ARG C 88 0.95 22.57 -24.12
CA ARG C 88 1.38 23.96 -24.07
C ARG C 88 2.29 24.35 -25.27
N THR C 89 2.23 25.64 -25.65
CA THR C 89 2.96 26.23 -26.77
C THR C 89 4.47 26.16 -26.51
N GLY C 90 5.08 25.21 -27.18
CA GLY C 90 6.50 24.95 -27.05
C GLY C 90 6.89 23.75 -26.21
N GLU C 91 5.88 23.07 -25.63
CA GLU C 91 6.08 21.92 -24.76
C GLU C 91 6.42 20.62 -25.51
N THR C 92 7.40 19.89 -24.96
CA THR C 92 7.83 18.55 -25.40
C THR C 92 7.46 17.71 -24.16
N PRO C 93 6.21 17.19 -24.11
CA PRO C 93 5.75 16.49 -22.91
C PRO C 93 6.49 15.22 -22.53
N THR C 94 6.86 15.13 -21.25
CA THR C 94 7.49 13.97 -20.63
C THR C 94 6.38 12.96 -20.34
N LEU C 95 5.23 13.46 -19.80
CA LEU C 95 4.03 12.70 -19.46
C LEU C 95 3.32 12.09 -20.70
N PRO C 96 2.40 11.10 -20.52
CA PRO C 96 1.73 10.52 -21.70
C PRO C 96 0.80 11.49 -22.40
N THR C 97 0.68 11.33 -23.72
CA THR C 97 -0.16 12.16 -24.58
C THR C 97 -1.19 11.37 -25.35
N VAL C 98 -2.28 12.03 -25.75
CA VAL C 98 -3.37 11.49 -26.55
C VAL C 98 -3.88 12.61 -27.47
N SER C 99 -4.24 12.29 -28.71
CA SER C 99 -4.79 13.25 -29.67
C SER C 99 -6.32 13.17 -29.66
N TYR C 100 -7.00 14.34 -29.60
CA TYR C 100 -8.46 14.40 -29.61
C TYR C 100 -8.95 15.71 -30.16
N GLY C 101 -9.52 15.66 -31.36
CA GLY C 101 -10.09 16.80 -32.06
C GLY C 101 -9.05 17.83 -32.49
N ASN C 102 -8.08 17.38 -33.33
CA ASN C 102 -6.98 18.18 -33.90
C ASN C 102 -6.03 18.81 -32.85
N LYS C 103 -6.22 18.48 -31.55
CA LYS C 103 -5.40 18.96 -30.45
C LYS C 103 -4.66 17.79 -29.78
N THR C 104 -3.49 18.08 -29.18
CA THR C 104 -2.70 17.10 -28.42
C THR C 104 -2.98 17.37 -26.95
N TRP C 105 -3.23 16.30 -26.16
CA TRP C 105 -3.56 16.36 -24.73
C TRP C 105 -2.52 15.66 -23.87
N VAL C 106 -2.15 16.25 -22.73
CA VAL C 106 -1.16 15.70 -21.81
C VAL C 106 -1.87 15.11 -20.60
N LEU C 107 -1.73 13.79 -20.38
CA LEU C 107 -2.34 13.12 -19.23
C LEU C 107 -1.57 13.46 -17.95
N VAL C 108 -2.30 13.99 -16.95
CA VAL C 108 -1.75 14.47 -15.68
C VAL C 108 -2.18 13.59 -14.49
N PRO C 109 -1.23 13.08 -13.66
CA PRO C 109 -1.64 12.32 -12.46
C PRO C 109 -2.33 13.23 -11.43
N ASP C 110 -3.24 12.67 -10.62
CA ASP C 110 -4.03 13.41 -9.61
C ASP C 110 -3.24 14.38 -8.74
N ALA C 111 -2.03 14.00 -8.31
CA ALA C 111 -1.17 14.83 -7.46
C ALA C 111 -0.77 16.16 -8.11
N GLN C 112 -0.64 16.19 -9.45
CA GLN C 112 -0.25 17.40 -10.18
C GLN C 112 -1.42 18.16 -10.81
N ALA C 113 -2.68 17.77 -10.49
CA ALA C 113 -3.91 18.35 -11.01
C ALA C 113 -3.92 19.88 -11.01
N TYR C 114 -3.71 20.52 -9.83
CA TYR C 114 -3.72 21.98 -9.71
C TYR C 114 -2.47 22.64 -10.28
N THR C 115 -1.29 22.02 -10.09
CA THR C 115 -0.02 22.56 -10.61
C THR C 115 -0.04 22.60 -12.15
N GLU C 116 -0.65 21.59 -12.79
CA GLU C 116 -0.78 21.49 -14.24
C GLU C 116 -2.06 22.14 -14.79
N GLY C 117 -2.99 22.49 -13.91
CA GLY C 117 -4.25 23.11 -14.29
C GLY C 117 -5.10 22.22 -15.18
N ALA C 118 -5.18 20.92 -14.81
CA ALA C 118 -5.92 19.92 -15.57
C ALA C 118 -7.43 19.97 -15.29
N LYS C 119 -8.14 20.93 -15.93
CA LYS C 119 -9.58 21.02 -15.74
C LYS C 119 -10.38 20.10 -16.71
N TRP C 120 -9.66 19.31 -17.54
CA TRP C 120 -10.24 18.38 -18.50
C TRP C 120 -10.07 16.94 -18.03
N LEU C 121 -11.02 16.09 -18.46
CA LEU C 121 -11.04 14.68 -18.12
C LEU C 121 -10.98 13.81 -19.38
N TYR C 122 -10.05 12.84 -19.40
CA TYR C 122 -9.85 11.88 -20.49
C TYR C 122 -10.41 10.54 -20.09
N CYS C 123 -11.22 9.96 -20.97
CA CYS C 123 -11.86 8.66 -20.77
C CYS C 123 -11.66 7.76 -21.98
N GLU C 124 -11.41 6.48 -21.71
CA GLU C 124 -11.17 5.46 -22.73
C GLU C 124 -11.76 4.13 -22.28
N ALA C 125 -12.43 3.44 -23.21
CA ALA C 125 -13.02 2.12 -22.99
C ALA C 125 -12.91 1.27 -24.26
N GLU C 126 -12.62 -0.01 -24.07
CA GLU C 126 -12.48 -0.97 -25.16
C GLU C 126 -13.74 -1.83 -25.26
N PHE C 127 -14.36 -1.83 -26.44
CA PHE C 127 -15.56 -2.61 -26.74
C PHE C 127 -15.12 -3.81 -27.60
N VAL C 128 -14.69 -4.89 -26.93
CA VAL C 128 -14.15 -6.07 -27.60
C VAL C 128 -15.26 -7.05 -28.03
N GLY C 129 -15.42 -7.16 -29.35
CA GLY C 129 -16.36 -8.06 -30.00
C GLY C 129 -17.77 -8.10 -29.47
N ASP C 130 -18.26 -9.32 -29.19
CA ASP C 130 -19.62 -9.59 -28.73
C ASP C 130 -19.83 -9.48 -27.21
N GLU C 131 -18.88 -8.86 -26.46
CA GLU C 131 -19.02 -8.68 -25.01
C GLU C 131 -20.28 -7.87 -24.66
N LEU C 132 -20.74 -7.08 -25.66
CA LEU C 132 -21.96 -6.29 -25.69
C LEU C 132 -22.59 -6.51 -27.08
N PRO C 133 -23.92 -6.40 -27.25
CA PRO C 133 -24.52 -6.68 -28.58
C PRO C 133 -23.88 -5.91 -29.73
N VAL C 134 -23.57 -6.64 -30.80
CA VAL C 134 -22.91 -6.14 -32.01
C VAL C 134 -23.86 -5.28 -32.86
N GLY C 135 -23.29 -4.41 -33.70
CA GLY C 135 -24.04 -3.55 -34.60
C GLY C 135 -23.51 -2.13 -34.69
N THR C 136 -24.32 -1.23 -35.28
CA THR C 136 -23.93 0.17 -35.40
C THR C 136 -24.24 0.94 -34.13
N TYR C 137 -23.43 1.97 -33.85
CA TYR C 137 -23.61 2.87 -32.72
C TYR C 137 -23.17 4.28 -33.10
N ARG C 138 -23.91 5.27 -32.62
CA ARG C 138 -23.68 6.69 -32.90
C ARG C 138 -23.47 7.53 -31.65
N GLN C 139 -23.66 6.94 -30.45
CA GLN C 139 -23.48 7.65 -29.19
C GLN C 139 -22.45 7.00 -28.27
N VAL C 140 -21.74 7.84 -27.54
CA VAL C 140 -20.76 7.45 -26.54
C VAL C 140 -20.94 8.39 -25.34
N GLY C 141 -21.09 7.81 -24.14
CA GLY C 141 -21.31 8.58 -22.94
C GLY C 141 -20.66 7.98 -21.72
N VAL C 142 -20.29 8.81 -20.75
CA VAL C 142 -19.67 8.36 -19.50
C VAL C 142 -20.66 8.54 -18.33
N PHE C 143 -20.83 7.47 -17.55
CA PHE C 143 -21.70 7.38 -16.38
C PHE C 143 -20.87 7.13 -15.13
N THR C 144 -21.20 7.81 -14.04
CA THR C 144 -20.52 7.65 -12.76
C THR C 144 -21.57 7.19 -11.77
N ASP C 145 -21.18 6.39 -10.77
CA ASP C 145 -22.05 5.85 -9.72
C ASP C 145 -23.06 4.84 -10.29
N LEU C 146 -22.61 4.06 -11.28
CA LEU C 146 -23.38 3.00 -11.91
C LEU C 146 -23.46 1.82 -10.92
N ALA C 147 -24.66 1.52 -10.43
CA ALA C 147 -24.86 0.45 -9.47
C ALA C 147 -25.19 -0.89 -10.16
N PRO C 148 -24.25 -1.87 -10.20
CA PRO C 148 -24.58 -3.17 -10.80
C PRO C 148 -25.39 -4.01 -9.82
N LYS C 149 -26.06 -5.07 -10.29
CA LYS C 149 -26.88 -5.97 -9.46
C LYS C 149 -26.05 -6.71 -8.39
N SER C 150 -26.72 -7.36 -7.41
CA SER C 150 -26.06 -8.10 -6.32
C SER C 150 -25.15 -9.18 -6.91
N GLY C 151 -23.86 -8.84 -6.97
CA GLY C 151 -22.81 -9.65 -7.59
C GLY C 151 -22.32 -8.96 -8.85
N VAL C 152 -22.41 -9.67 -10.00
CA VAL C 152 -22.04 -9.25 -11.36
C VAL C 152 -20.81 -8.28 -11.37
N THR C 153 -19.62 -8.87 -11.17
CA THR C 153 -18.33 -8.17 -11.14
C THR C 153 -17.84 -7.76 -12.53
N LYS C 154 -18.30 -8.47 -13.59
CA LYS C 154 -17.89 -8.28 -14.98
C LYS C 154 -17.96 -6.80 -15.47
N PRO C 155 -16.98 -6.37 -16.29
CA PRO C 155 -16.96 -4.97 -16.74
C PRO C 155 -17.98 -4.63 -17.84
N ASN C 156 -18.50 -5.65 -18.53
CA ASN C 156 -19.45 -5.51 -19.63
C ASN C 156 -20.85 -5.82 -19.13
N LEU C 157 -21.69 -4.79 -19.10
CA LEU C 157 -23.05 -4.88 -18.60
C LEU C 157 -24.09 -4.52 -19.64
N LEU C 158 -25.07 -5.40 -19.82
CA LEU C 158 -26.22 -5.18 -20.69
C LEU C 158 -27.13 -4.21 -19.92
N PRO C 159 -28.02 -3.41 -20.58
CA PRO C 159 -28.90 -2.52 -19.79
C PRO C 159 -29.79 -3.28 -18.81
N SER C 160 -30.10 -4.57 -19.11
CA SER C 160 -30.89 -5.46 -18.26
C SER C 160 -30.08 -5.91 -17.02
N GLU C 161 -28.75 -5.64 -17.02
CA GLU C 161 -27.85 -6.05 -15.93
C GLU C 161 -27.56 -4.91 -14.94
N VAL C 162 -27.82 -3.65 -15.34
CA VAL C 162 -27.62 -2.46 -14.51
C VAL C 162 -28.86 -2.15 -13.64
N ALA C 163 -28.66 -2.01 -12.30
CA ALA C 163 -29.74 -1.69 -11.35
C ALA C 163 -30.05 -0.19 -11.31
N ASN C 164 -29.02 0.66 -11.44
CA ASN C 164 -29.12 2.12 -11.45
C ASN C 164 -27.94 2.65 -12.26
N VAL C 165 -28.24 3.19 -13.47
CA VAL C 165 -27.25 3.69 -14.44
C VAL C 165 -26.30 4.78 -13.89
N GLY C 166 -26.67 5.38 -12.76
CA GLY C 166 -25.87 6.44 -12.14
C GLY C 166 -26.16 7.81 -12.72
N VAL C 167 -25.10 8.56 -13.06
CA VAL C 167 -25.24 9.92 -13.58
C VAL C 167 -24.49 10.05 -14.92
N LEU C 168 -25.22 10.35 -16.01
CA LEU C 168 -24.60 10.57 -17.32
C LEU C 168 -23.87 11.91 -17.20
N GLN C 169 -22.54 11.87 -17.15
CA GLN C 169 -21.73 13.07 -16.98
C GLN C 169 -21.53 13.81 -18.29
N PHE C 170 -21.11 13.09 -19.34
CA PHE C 170 -20.94 13.68 -20.67
C PHE C 170 -21.16 12.64 -21.72
N PHE C 171 -21.65 13.07 -22.89
CA PHE C 171 -21.86 12.21 -24.02
C PHE C 171 -21.56 12.91 -25.32
N GLU C 172 -21.48 12.14 -26.39
CA GLU C 172 -21.16 12.62 -27.72
C GLU C 172 -22.15 12.04 -28.72
N ASN C 173 -22.38 12.75 -29.82
CA ASN C 173 -23.16 12.28 -30.97
C ASN C 173 -22.19 12.32 -32.13
N LYS C 174 -21.98 11.18 -32.77
CA LYS C 174 -21.03 11.08 -33.87
C LYS C 174 -21.55 10.23 -35.01
N GLN C 175 -20.75 10.14 -36.08
CA GLN C 175 -21.05 9.30 -37.23
C GLN C 175 -20.87 7.84 -36.82
N PHE C 176 -21.76 6.98 -37.36
CA PHE C 176 -21.83 5.55 -37.04
C PHE C 176 -20.54 4.78 -37.16
N GLN C 177 -20.40 3.78 -36.32
CA GLN C 177 -19.30 2.84 -36.30
C GLN C 177 -19.90 1.47 -36.13
N ASN C 178 -19.43 0.51 -36.93
CA ASN C 178 -19.96 -0.85 -36.89
C ASN C 178 -19.05 -1.72 -36.06
N ARG C 179 -19.65 -2.51 -35.17
CA ARG C 179 -18.94 -3.47 -34.32
C ARG C 179 -19.42 -4.90 -34.62
N THR C 180 -18.47 -5.81 -34.80
CA THR C 180 -18.72 -7.22 -35.12
C THR C 180 -18.01 -8.08 -34.04
N PRO C 181 -18.29 -9.40 -33.89
CA PRO C 181 -17.56 -10.17 -32.87
C PRO C 181 -16.04 -10.20 -33.04
N GLN C 182 -15.57 -9.77 -34.22
CA GLN C 182 -14.17 -9.73 -34.63
C GLN C 182 -13.56 -8.33 -34.48
N VAL C 183 -14.38 -7.32 -34.17
CA VAL C 183 -13.95 -5.93 -34.04
C VAL C 183 -13.80 -5.48 -32.58
N THR C 184 -12.69 -4.76 -32.30
CA THR C 184 -12.40 -4.14 -31.01
C THR C 184 -12.42 -2.63 -31.23
N ALA C 185 -13.41 -1.96 -30.63
CA ALA C 185 -13.56 -0.52 -30.76
C ALA C 185 -12.97 0.18 -29.53
N ARG C 186 -11.97 1.03 -29.75
CA ARG C 186 -11.33 1.80 -28.67
C ARG C 186 -11.88 3.22 -28.72
N GLU C 187 -12.86 3.50 -27.85
CA GLU C 187 -13.49 4.80 -27.75
C GLU C 187 -12.84 5.65 -26.70
N ARG C 188 -12.40 6.84 -27.11
CA ARG C 188 -11.77 7.82 -26.23
C ARG C 188 -12.34 9.21 -26.44
N PHE C 189 -12.55 9.96 -25.35
CA PHE C 189 -13.02 11.35 -25.43
C PHE C 189 -12.48 12.20 -24.27
N VAL C 190 -12.33 13.51 -24.55
CA VAL C 190 -11.85 14.51 -23.62
C VAL C 190 -13.00 15.50 -23.35
N ALA C 191 -13.35 15.67 -22.07
CA ALA C 191 -14.41 16.57 -21.65
C ALA C 191 -13.87 17.67 -20.75
N GLU C 192 -14.28 18.93 -21.02
CA GLU C 192 -13.90 20.08 -20.21
C GLU C 192 -14.88 20.12 -19.05
N LEU C 193 -14.38 20.44 -17.87
CA LEU C 193 -15.24 20.53 -16.69
C LEU C 193 -15.25 21.92 -16.08
CL CL D . 12.29 19.66 18.28
#